data_2GAZ
#
_entry.id   2GAZ
#
_cell.length_a   41.835
_cell.length_b   110.757
_cell.length_c   107.396
_cell.angle_alpha   90.00
_cell.angle_beta   90.00
_cell.angle_gamma   90.00
#
_symmetry.space_group_name_H-M   'P 21 21 21'
#
loop_
_entity.id
_entity.type
_entity.pdbx_description
1 polymer 'T-cell surface glycoprotein CD1d1'
2 polymer beta-2-microglobulin
3 branched alpha-D-mannopyranose-(1-3)-[alpha-D-mannopyranose-(1-6)]beta-D-mannopyranose-(1-4)-2-acetamido-2-deoxy-beta-D-glucopyranose-(1-4)-2-acetamido-2-deoxy-beta-D-glucopyranose
4 non-polymer 2-acetamido-2-deoxy-beta-D-glucopyranose
5 non-polymer '(2R)-3-[(HYDROXY{[(2R,3R,5S,6R)-3,4,5-TRIHYDROXY-2,6-BIS(ALPHA-D-MANNOPYRANOSYLOXY)CYCLOHEXYL]OXY}PHOSPHORYL)OXY]PROPAN E-1,2-DIYL DIHEXADECANOATE'
6 water water
#
loop_
_entity_poly.entity_id
_entity_poly.type
_entity_poly.pdbx_seq_one_letter_code
_entity_poly.pdbx_strand_id
1 'polypeptide(L)'
;SEAQQKNYTFRCLQMSSFANRSWSRTDSVVWLGDLQTHRWSNDSATISFTKPWSQGKLSNQQWEKLQHMFQVYRVSFTRD
IQELVKMMSPKEDYPIEIQLSAGCEMYPGNASESFLHVAFQGKYVVRFWGTSWQTVPGAPSWLDLPIKVLNADQGTSATV
QMLLNDTCPLFVRGLLEAGKSDLEKQEKPVAWLSSVPSSAHGHRQLVCHVSGFYPKPVWVMWMRGDQEQQGTHRGDFLPN
ADETWYLQATLDVEAGEEAGLACRVKHSSLGGQDIILYWHHHHHH
;
A
2 'polypeptide(L)'
;IQKTPQIQVYSRHPPENGKPNILNCYVTQFHPPHIEIQMLKNGKKIPKVEMSDMSFSKDWSFYILAHTEFTPTETDTYAC
RVKHASMAEPKTVYWDRDM
;
B
#
# COMPACT_ATOMS: atom_id res chain seq x y z
N ASN A 7 -9.08 10.23 -12.01
CA ASN A 7 -9.89 10.08 -10.73
C ASN A 7 -9.73 8.71 -9.97
N TYR A 8 -10.29 7.59 -10.45
CA TYR A 8 -10.15 6.29 -9.72
C TYR A 8 -9.42 5.13 -10.41
N THR A 9 -8.37 4.65 -9.76
CA THR A 9 -7.65 3.48 -10.21
C THR A 9 -8.14 2.28 -9.43
N PHE A 10 -8.53 1.21 -10.14
CA PHE A 10 -8.96 -0.06 -9.57
C PHE A 10 -7.86 -1.06 -9.87
N ARG A 11 -7.35 -1.77 -8.87
CA ARG A 11 -6.22 -2.68 -9.08
C ARG A 11 -6.49 -4.05 -8.44
N CYS A 12 -6.28 -5.11 -9.21
CA CYS A 12 -6.31 -6.46 -8.68
C CYS A 12 -4.84 -6.86 -8.72
N LEU A 13 -4.30 -7.15 -7.54
CA LEU A 13 -2.87 -7.38 -7.39
C LEU A 13 -2.60 -8.82 -7.02
N GLN A 14 -1.94 -9.55 -7.91
CA GLN A 14 -1.60 -10.95 -7.63
C GLN A 14 -0.15 -11.10 -7.14
N MET A 15 0.03 -11.92 -6.11
CA MET A 15 1.33 -12.17 -5.53
C MET A 15 1.57 -13.67 -5.47
N SER A 16 2.39 -14.17 -6.41
CA SER A 16 2.66 -15.60 -6.52
C SER A 16 4.12 -15.99 -6.28
N SER A 17 4.32 -16.78 -5.21
CA SER A 17 5.63 -17.33 -4.85
C SER A 17 5.71 -18.82 -5.12
N PHE A 18 6.69 -19.19 -5.93
CA PHE A 18 7.09 -20.57 -6.11
C PHE A 18 8.41 -20.80 -5.39
N ALA A 19 8.38 -21.50 -4.26
CA ALA A 19 9.64 -21.84 -3.57
C ALA A 19 10.34 -23.08 -4.15
N ASN A 20 9.57 -24.02 -4.70
CA ASN A 20 10.13 -25.22 -5.31
C ASN A 20 9.10 -26.05 -6.09
N ARG A 21 9.55 -27.20 -6.60
CA ARG A 21 8.77 -28.08 -7.48
C ARG A 21 7.36 -28.37 -6.98
N SER A 22 7.16 -28.29 -5.66
CA SER A 22 5.81 -28.45 -5.09
C SER A 22 5.60 -27.68 -3.77
N TRP A 23 5.88 -26.39 -3.81
CA TRP A 23 5.38 -25.45 -2.82
C TRP A 23 5.21 -24.17 -3.60
N SER A 24 4.01 -23.63 -3.53
CA SER A 24 3.69 -22.39 -4.16
C SER A 24 2.47 -21.76 -3.51
N ARG A 25 2.43 -20.41 -3.52
CA ARG A 25 1.25 -19.70 -3.06
C ARG A 25 0.93 -18.44 -3.87
N THR A 26 -0.37 -18.19 -3.98
CA THR A 26 -0.88 -17.10 -4.74
C THR A 26 -1.92 -16.45 -3.88
N ASP A 27 -1.62 -15.22 -3.45
CA ASP A 27 -2.56 -14.42 -2.69
C ASP A 27 -2.80 -13.15 -3.49
N SER A 28 -4.00 -12.58 -3.38
CA SER A 28 -4.35 -11.32 -4.02
C SER A 28 -5.08 -10.37 -3.09
N VAL A 29 -5.04 -9.09 -3.46
CA VAL A 29 -5.79 -8.04 -2.82
C VAL A 29 -6.29 -7.15 -3.94
N VAL A 30 -7.48 -6.58 -3.77
CA VAL A 30 -8.09 -5.70 -4.76
C VAL A 30 -8.31 -4.34 -4.08
N TRP A 31 -7.97 -3.26 -4.79
CA TRP A 31 -8.05 -1.92 -4.28
C TRP A 31 -8.88 -1.05 -5.21
N LEU A 32 -9.77 -0.23 -4.64
CA LEU A 32 -10.38 0.82 -5.41
C LEU A 32 -9.91 2.13 -4.87
N GLY A 33 -8.89 2.69 -5.51
CA GLY A 33 -8.21 3.87 -5.00
C GLY A 33 -7.30 3.45 -3.88
N ASP A 34 -7.50 3.98 -2.68
CA ASP A 34 -6.73 3.53 -1.53
C ASP A 34 -7.58 2.68 -0.56
N LEU A 35 -8.74 2.22 -1.01
CA LEU A 35 -9.60 1.43 -0.15
C LEU A 35 -9.58 -0.01 -0.61
N GLN A 36 -9.23 -0.94 0.26
CA GLN A 36 -9.25 -2.35 -0.10
C GLN A 36 -10.68 -2.84 -0.28
N THR A 37 -10.94 -3.47 -1.42
CA THR A 37 -12.26 -4.06 -1.70
C THR A 37 -12.35 -5.59 -1.46
N HIS A 38 -11.24 -6.30 -1.69
CA HIS A 38 -11.17 -7.77 -1.60
C HIS A 38 -9.78 -8.27 -1.16
N ARG A 39 -9.78 -9.48 -0.64
CA ARG A 39 -8.58 -10.27 -0.40
C ARG A 39 -8.91 -11.69 -0.80
N TRP A 40 -7.92 -12.42 -1.31
CA TRP A 40 -8.12 -13.81 -1.66
C TRP A 40 -6.85 -14.54 -1.25
N SER A 41 -6.97 -15.31 -0.18
CA SER A 41 -5.86 -16.01 0.40
C SER A 41 -5.68 -17.34 -0.33
N ASN A 42 -4.43 -17.77 -0.50
CA ASN A 42 -4.15 -19.08 -1.07
C ASN A 42 -4.88 -20.16 -0.28
N ASP A 43 -5.13 -19.90 1.00
CA ASP A 43 -5.79 -20.87 1.90
C ASP A 43 -7.29 -20.94 1.62
N SER A 44 -7.77 -20.04 0.77
CA SER A 44 -9.21 -19.83 0.65
C SER A 44 -9.73 -20.17 -0.73
N ALA A 45 -10.90 -20.80 -0.78
CA ALA A 45 -11.52 -21.24 -2.02
C ALA A 45 -12.10 -20.05 -2.79
N THR A 46 -12.71 -19.15 -2.04
CA THR A 46 -13.51 -18.07 -2.59
C THR A 46 -12.89 -16.71 -2.29
N ILE A 47 -13.19 -15.73 -3.15
CA ILE A 47 -12.77 -14.37 -2.92
C ILE A 47 -13.56 -13.79 -1.72
N SER A 48 -12.83 -13.16 -0.80
CA SER A 48 -13.40 -12.48 0.36
C SER A 48 -13.62 -10.99 0.16
N PHE A 49 -14.75 -10.48 0.67
CA PHE A 49 -15.10 -9.05 0.62
C PHE A 49 -14.50 -8.34 1.82
N THR A 50 -13.90 -7.17 1.60
CA THR A 50 -13.40 -6.37 2.71
C THR A 50 -14.17 -5.05 2.84
N LYS A 51 -15.33 -5.04 2.21
CA LYS A 51 -16.22 -3.90 2.23
C LYS A 51 -17.67 -4.41 2.11
N PRO A 52 -18.64 -3.67 2.66
CA PRO A 52 -20.02 -4.14 2.44
C PRO A 52 -20.42 -4.11 0.99
N TRP A 53 -19.66 -3.40 0.15
CA TRP A 53 -20.06 -3.09 -1.23
C TRP A 53 -19.20 -3.80 -2.25
N SER A 54 -18.34 -4.69 -1.76
CA SER A 54 -17.34 -5.36 -2.61
C SER A 54 -17.90 -6.15 -3.83
N GLN A 55 -19.20 -6.45 -3.86
CA GLN A 55 -19.83 -7.16 -5.01
C GLN A 55 -20.27 -6.14 -6.10
N GLY A 56 -20.35 -4.86 -5.72
CA GLY A 56 -20.71 -3.77 -6.62
C GLY A 56 -22.14 -3.96 -7.10
N LYS A 57 -22.41 -3.75 -8.38
CA LYS A 57 -23.82 -3.82 -8.79
C LYS A 57 -24.20 -5.19 -9.31
N LEU A 58 -23.23 -6.07 -9.41
CA LEU A 58 -23.47 -7.42 -9.87
C LEU A 58 -24.42 -8.26 -9.00
N SER A 59 -25.26 -9.04 -9.66
CA SER A 59 -26.05 -10.09 -9.05
C SER A 59 -25.14 -11.22 -8.53
N ASN A 60 -25.75 -12.10 -7.76
CA ASN A 60 -25.07 -13.26 -7.23
C ASN A 60 -24.65 -14.22 -8.35
N GLN A 61 -25.39 -14.22 -9.45
CA GLN A 61 -25.16 -15.15 -10.56
C GLN A 61 -23.91 -14.65 -11.30
N GLN A 62 -23.86 -13.36 -11.54
CA GLN A 62 -22.76 -12.75 -12.24
C GLN A 62 -21.49 -12.85 -11.41
N TRP A 63 -21.62 -12.57 -10.12
CA TRP A 63 -20.47 -12.62 -9.20
C TRP A 63 -19.84 -14.00 -9.08
N GLU A 64 -20.65 -15.04 -8.87
CA GLU A 64 -20.19 -16.45 -8.90
C GLU A 64 -19.52 -16.86 -10.23
N LYS A 65 -20.06 -16.35 -11.35
CA LYS A 65 -19.55 -16.70 -12.65
C LYS A 65 -18.18 -16.13 -12.72
N LEU A 66 -18.06 -14.89 -12.28
CA LEU A 66 -16.79 -14.17 -12.36
C LEU A 66 -15.80 -14.75 -11.37
N GLN A 67 -16.30 -15.19 -10.23
CA GLN A 67 -15.45 -15.83 -9.22
C GLN A 67 -14.98 -17.18 -9.73
N HIS A 68 -15.81 -17.84 -10.56
CA HIS A 68 -15.43 -19.13 -11.08
C HIS A 68 -14.27 -19.04 -12.05
N MET A 69 -14.32 -18.04 -12.92
CA MET A 69 -13.28 -17.88 -13.92
C MET A 69 -11.91 -17.57 -13.31
N PHE A 70 -11.90 -16.83 -12.19
CA PHE A 70 -10.69 -16.56 -11.40
C PHE A 70 -10.19 -17.78 -10.64
N GLN A 71 -11.12 -18.66 -10.23
CA GLN A 71 -10.77 -19.93 -9.58
C GLN A 71 -10.04 -20.93 -10.49
N VAL A 72 -10.59 -21.20 -11.68
CA VAL A 72 -9.86 -21.87 -12.77
C VAL A 72 -8.54 -21.16 -13.14
N TYR A 73 -8.51 -19.84 -13.08
CA TYR A 73 -7.28 -19.13 -13.42
C TYR A 73 -6.16 -19.33 -12.39
N ARG A 74 -6.49 -19.19 -11.10
CA ARG A 74 -5.50 -19.41 -10.06
C ARG A 74 -4.86 -20.79 -10.18
N VAL A 75 -5.66 -21.83 -10.46
CA VAL A 75 -5.14 -23.18 -10.66
C VAL A 75 -4.27 -23.32 -11.91
N SER A 76 -4.78 -22.85 -13.04
CA SER A 76 -4.08 -22.95 -14.32
C SER A 76 -2.79 -22.12 -14.39
N PHE A 77 -2.83 -20.94 -13.82
CA PHE A 77 -1.64 -20.11 -13.73
C PHE A 77 -0.54 -20.88 -13.01
N THR A 78 -0.90 -21.49 -11.87
CA THR A 78 0.05 -22.18 -11.03
C THR A 78 0.79 -23.25 -11.83
N ARG A 79 0.04 -24.09 -12.52
CA ARG A 79 0.69 -25.23 -13.15
C ARG A 79 1.26 -24.89 -14.50
N ASP A 80 0.86 -23.77 -15.09
CA ASP A 80 1.46 -23.33 -16.36
C ASP A 80 2.86 -22.84 -16.04
N ILE A 81 2.98 -22.18 -14.89
CA ILE A 81 4.23 -21.62 -14.44
C ILE A 81 5.19 -22.70 -13.98
N GLN A 82 4.66 -23.67 -13.24
CA GLN A 82 5.40 -24.81 -12.81
C GLN A 82 5.90 -25.59 -14.03
N GLU A 83 4.99 -25.83 -14.99
CA GLU A 83 5.33 -26.51 -16.26
C GLU A 83 6.46 -25.76 -16.95
N LEU A 84 6.44 -24.43 -16.87
CA LEU A 84 7.47 -23.62 -17.52
C LEU A 84 8.82 -23.80 -16.84
N VAL A 85 8.87 -23.63 -15.52
CA VAL A 85 10.09 -23.83 -14.77
C VAL A 85 10.80 -25.13 -15.12
N LYS A 86 10.04 -26.23 -15.19
CA LYS A 86 10.64 -27.57 -15.42
C LYS A 86 11.12 -27.80 -16.86
N MET A 87 11.15 -26.73 -17.67
CA MET A 87 11.87 -26.74 -18.95
C MET A 87 13.21 -26.00 -18.77
N MET A 88 13.20 -24.95 -17.95
CA MET A 88 14.43 -24.23 -17.53
C MET A 88 15.24 -25.06 -16.51
N ASP A 93 14.89 -21.69 -12.36
CA ASP A 93 15.76 -21.60 -11.18
C ASP A 93 15.03 -20.95 -9.97
N TYR A 94 14.64 -21.75 -8.97
CA TYR A 94 13.89 -21.24 -7.79
C TYR A 94 14.80 -20.43 -6.87
N PRO A 95 14.24 -19.54 -6.01
CA PRO A 95 12.81 -19.15 -5.83
C PRO A 95 12.29 -18.16 -6.87
N ILE A 96 11.07 -18.36 -7.31
CA ILE A 96 10.43 -17.49 -8.29
C ILE A 96 9.37 -16.65 -7.61
N GLU A 97 9.37 -15.35 -7.91
CA GLU A 97 8.30 -14.46 -7.43
C GLU A 97 7.65 -13.84 -8.64
N ILE A 98 6.36 -14.07 -8.86
CA ILE A 98 5.65 -13.37 -9.97
C ILE A 98 4.58 -12.43 -9.44
N GLN A 99 4.54 -11.20 -9.91
CA GLN A 99 3.46 -10.27 -9.56
C GLN A 99 2.63 -9.87 -10.77
N LEU A 100 1.37 -9.58 -10.53
CA LEU A 100 0.46 -9.19 -11.59
C LEU A 100 -0.46 -8.07 -11.10
N SER A 101 -0.64 -7.07 -11.94
CA SER A 101 -1.38 -5.89 -11.56
C SER A 101 -2.36 -5.66 -12.69
N ALA A 102 -3.65 -5.74 -12.42
CA ALA A 102 -4.67 -5.74 -13.45
C ALA A 102 -5.90 -4.97 -12.99
N GLY A 103 -6.46 -4.18 -13.90
CA GLY A 103 -7.64 -3.38 -13.57
C GLY A 103 -7.81 -2.20 -14.49
N CYS A 104 -8.33 -1.10 -13.96
CA CYS A 104 -8.65 0.03 -14.81
C CYS A 104 -8.63 1.36 -14.10
N GLU A 105 -8.32 2.38 -14.86
CA GLU A 105 -8.36 3.77 -14.41
C GLU A 105 -9.60 4.43 -14.92
N MET A 106 -10.38 4.95 -13.98
CA MET A 106 -11.68 5.55 -14.28
C MET A 106 -11.61 7.08 -14.34
N TYR A 107 -11.81 7.61 -15.55
CA TYR A 107 -11.85 9.06 -15.76
C TYR A 107 -13.27 9.58 -15.76
N PRO A 108 -13.44 10.89 -15.46
CA PRO A 108 -14.78 11.48 -15.49
C PRO A 108 -15.27 11.67 -16.94
N GLY A 109 -16.58 11.52 -17.14
CA GLY A 109 -17.15 11.51 -18.50
C GLY A 109 -17.24 10.07 -18.97
N ASN A 110 -17.34 9.16 -17.99
CA ASN A 110 -17.53 7.72 -18.22
C ASN A 110 -16.43 7.02 -19.08
N ALA A 111 -15.30 7.71 -19.30
CA ALA A 111 -14.14 7.14 -20.03
C ALA A 111 -13.31 6.22 -19.13
N SER A 112 -12.44 5.42 -19.75
CA SER A 112 -11.55 4.53 -18.99
C SER A 112 -10.44 3.85 -19.81
N GLU A 113 -9.43 3.34 -19.12
CA GLU A 113 -8.29 2.64 -19.72
C GLU A 113 -7.88 1.44 -18.86
N SER A 114 -7.82 0.24 -19.47
CA SER A 114 -7.46 -0.96 -18.72
C SER A 114 -5.96 -1.33 -18.87
N PHE A 115 -5.46 -2.17 -17.97
CA PHE A 115 -4.06 -2.54 -17.95
C PHE A 115 -3.95 -3.93 -17.37
N LEU A 116 -2.87 -4.61 -17.72
CA LEU A 116 -2.58 -5.92 -17.20
C LEU A 116 -1.05 -6.06 -17.26
N HIS A 117 -0.39 -5.81 -16.14
CA HIS A 117 1.09 -5.78 -16.13
C HIS A 117 1.63 -6.91 -15.28
N VAL A 118 2.69 -7.58 -15.74
CA VAL A 118 3.24 -8.73 -15.04
C VAL A 118 4.72 -8.54 -14.76
N ALA A 119 5.13 -8.69 -13.51
CA ALA A 119 6.54 -8.60 -13.12
C ALA A 119 7.05 -9.97 -12.72
N PHE A 120 8.36 -10.16 -12.95
CA PHE A 120 9.11 -11.37 -12.59
C PHE A 120 10.36 -10.93 -11.81
N GLN A 121 10.49 -11.41 -10.57
CA GLN A 121 11.60 -11.05 -9.68
C GLN A 121 11.61 -9.55 -9.41
N GLY A 122 10.41 -8.99 -9.22
CA GLY A 122 10.21 -7.56 -8.96
C GLY A 122 10.46 -6.61 -10.13
N LYS A 123 10.54 -7.18 -11.34
CA LYS A 123 10.73 -6.40 -12.56
C LYS A 123 9.67 -6.65 -13.62
N TYR A 124 9.05 -5.57 -14.05
CA TYR A 124 8.09 -5.57 -15.15
C TYR A 124 8.68 -6.26 -16.39
N VAL A 125 7.92 -7.21 -16.94
CA VAL A 125 8.38 -8.00 -18.10
C VAL A 125 7.33 -8.30 -19.18
N VAL A 126 6.05 -8.36 -18.81
CA VAL A 126 5.01 -8.75 -19.73
C VAL A 126 3.78 -7.90 -19.46
N ARG A 127 3.01 -7.64 -20.51
CA ARG A 127 1.82 -6.83 -20.42
C ARG A 127 0.77 -7.53 -21.30
N PHE A 128 -0.52 -7.28 -21.06
CA PHE A 128 -1.52 -7.63 -22.08
C PHE A 128 -1.99 -6.31 -22.64
N TRP A 129 -2.06 -6.25 -23.95
CA TRP A 129 -2.26 -4.97 -24.62
C TRP A 129 -2.99 -5.23 -25.92
N GLY A 130 -4.15 -4.60 -26.06
CA GLY A 130 -4.98 -4.74 -27.24
C GLY A 130 -5.58 -6.13 -27.28
N THR A 131 -4.98 -6.99 -28.09
CA THR A 131 -5.48 -8.36 -28.23
C THR A 131 -4.47 -9.48 -28.03
N SER A 132 -3.31 -9.19 -27.41
CA SER A 132 -2.28 -10.21 -27.19
C SER A 132 -1.38 -9.89 -25.99
N TRP A 133 -0.75 -10.93 -25.45
CA TRP A 133 0.27 -10.76 -24.43
C TRP A 133 1.54 -10.26 -25.10
N GLN A 134 2.30 -9.41 -24.41
CA GLN A 134 3.55 -8.87 -24.99
C GLN A 134 4.68 -8.88 -23.95
N THR A 135 5.89 -9.20 -24.37
CA THR A 135 7.02 -8.99 -23.51
C THR A 135 7.39 -7.55 -23.71
N VAL A 136 7.65 -6.89 -22.59
CA VAL A 136 8.13 -5.50 -22.52
C VAL A 136 9.61 -5.36 -22.99
N PRO A 137 9.96 -4.30 -23.76
CA PRO A 137 11.39 -4.27 -24.21
C PRO A 137 12.44 -4.56 -23.14
N GLY A 138 13.47 -5.32 -23.54
CA GLY A 138 14.53 -5.80 -22.63
C GLY A 138 14.12 -6.81 -21.55
N ALA A 139 12.94 -7.42 -21.69
CA ALA A 139 12.56 -8.58 -20.88
C ALA A 139 13.50 -9.72 -21.31
N PRO A 140 13.71 -10.74 -20.47
CA PRO A 140 14.59 -11.85 -20.91
C PRO A 140 14.07 -12.54 -22.20
N SER A 141 14.97 -12.85 -23.12
CA SER A 141 14.57 -13.43 -24.38
C SER A 141 13.92 -14.82 -24.26
N TRP A 142 14.13 -15.51 -23.14
CA TRP A 142 13.52 -16.82 -22.99
C TRP A 142 12.00 -16.78 -22.87
N LEU A 143 11.47 -15.62 -22.49
CA LEU A 143 10.03 -15.36 -22.46
C LEU A 143 9.35 -15.35 -23.83
N ASP A 144 10.10 -15.07 -24.90
CA ASP A 144 9.49 -14.91 -26.22
C ASP A 144 8.67 -16.12 -26.64
N LEU A 145 9.28 -17.30 -26.61
CA LEU A 145 8.59 -18.53 -26.93
C LEU A 145 7.36 -18.88 -26.03
N PRO A 146 7.50 -18.86 -24.70
CA PRO A 146 6.31 -19.09 -23.89
C PRO A 146 5.15 -18.14 -24.22
N ILE A 147 5.49 -16.90 -24.53
CA ILE A 147 4.49 -15.85 -24.72
C ILE A 147 3.84 -15.95 -26.13
N LYS A 148 4.62 -16.36 -27.10
CA LYS A 148 4.05 -16.64 -28.41
C LYS A 148 3.12 -17.85 -28.30
N VAL A 149 3.49 -18.83 -27.46
CA VAL A 149 2.69 -20.04 -27.31
C VAL A 149 1.34 -19.80 -26.60
N LEU A 150 1.39 -18.95 -25.58
CA LEU A 150 0.21 -18.53 -24.82
C LEU A 150 -0.74 -17.73 -25.70
N ASN A 151 -0.16 -16.96 -26.62
CA ASN A 151 -0.92 -16.15 -27.55
C ASN A 151 -1.78 -17.00 -28.47
N ALA A 152 -1.29 -18.17 -28.84
CA ALA A 152 -1.99 -19.12 -29.68
C ALA A 152 -3.31 -19.67 -29.05
N ASP A 153 -3.55 -19.32 -27.77
CA ASP A 153 -4.72 -19.75 -27.01
C ASP A 153 -5.76 -18.64 -27.07
N GLN A 154 -6.66 -18.75 -28.04
CA GLN A 154 -7.66 -17.72 -28.32
C GLN A 154 -8.75 -17.55 -27.29
N GLY A 155 -9.22 -18.64 -26.69
CA GLY A 155 -10.20 -18.55 -25.62
C GLY A 155 -9.72 -17.76 -24.39
N THR A 156 -8.45 -17.91 -24.03
CA THR A 156 -7.89 -17.13 -22.91
C THR A 156 -7.76 -15.65 -23.31
N SER A 157 -7.32 -15.40 -24.53
CA SER A 157 -7.13 -14.04 -24.98
C SER A 157 -8.44 -13.31 -25.22
N ALA A 158 -9.47 -14.02 -25.68
CA ALA A 158 -10.78 -13.44 -25.83
C ALA A 158 -11.29 -13.17 -24.42
N THR A 159 -11.04 -14.12 -23.49
CA THR A 159 -11.49 -13.90 -22.13
C THR A 159 -10.88 -12.62 -21.50
N VAL A 160 -9.58 -12.42 -21.67
CA VAL A 160 -8.88 -11.26 -21.06
C VAL A 160 -9.40 -9.94 -21.65
N GLN A 161 -9.55 -9.87 -22.98
CA GLN A 161 -10.10 -8.66 -23.65
C GLN A 161 -11.46 -8.33 -23.08
N MET A 162 -12.32 -9.35 -22.98
CA MET A 162 -13.66 -9.21 -22.41
C MET A 162 -13.60 -8.53 -21.07
N LEU A 163 -12.71 -9.01 -20.21
CA LEU A 163 -12.60 -8.58 -18.81
C LEU A 163 -12.07 -7.17 -18.66
N LEU A 164 -10.98 -6.91 -19.40
CA LEU A 164 -10.33 -5.61 -19.48
C LEU A 164 -11.22 -4.55 -20.15
N ASN A 165 -11.85 -4.92 -21.27
CA ASN A 165 -12.63 -3.98 -22.06
C ASN A 165 -14.02 -3.68 -21.52
N ASP A 166 -14.67 -4.67 -20.92
CA ASP A 166 -16.05 -4.54 -20.46
C ASP A 166 -16.22 -4.72 -18.98
N THR A 167 -15.91 -5.91 -18.50
CA THR A 167 -16.12 -6.28 -17.10
C THR A 167 -15.51 -5.31 -16.09
N CYS A 168 -14.24 -4.95 -16.26
CA CYS A 168 -13.57 -4.03 -15.34
C CYS A 168 -14.28 -2.68 -15.22
N PRO A 169 -14.39 -1.92 -16.33
CA PRO A 169 -15.08 -0.66 -16.10
C PRO A 169 -16.54 -0.86 -15.64
N LEU A 170 -17.20 -1.91 -16.09
CA LEU A 170 -18.59 -2.13 -15.74
C LEU A 170 -18.69 -2.40 -14.24
N PHE A 171 -17.80 -3.24 -13.78
CA PHE A 171 -17.74 -3.57 -12.36
C PHE A 171 -17.37 -2.38 -11.51
N VAL A 172 -16.41 -1.58 -11.95
CA VAL A 172 -15.97 -0.43 -11.17
C VAL A 172 -17.10 0.59 -11.02
N ARG A 173 -17.89 0.80 -12.09
CA ARG A 173 -19.00 1.76 -12.05
C ARG A 173 -19.98 1.42 -10.96
N GLY A 174 -20.21 0.15 -10.72
CA GLY A 174 -21.13 -0.23 -9.66
C GLY A 174 -20.43 -0.16 -8.31
N LEU A 175 -19.11 -0.33 -8.30
CA LEU A 175 -18.38 -0.18 -7.05
C LEU A 175 -18.47 1.27 -6.54
N LEU A 176 -18.33 2.22 -7.46
CA LEU A 176 -18.36 3.63 -7.15
C LEU A 176 -19.72 4.07 -6.70
N GLU A 177 -20.77 3.44 -7.23
CA GLU A 177 -22.13 3.75 -6.80
C GLU A 177 -22.35 3.16 -5.43
N ALA A 178 -22.09 1.86 -5.30
CA ALA A 178 -22.39 1.09 -4.10
C ALA A 178 -21.56 1.50 -2.87
N GLY A 179 -20.34 1.98 -3.09
CA GLY A 179 -19.48 2.42 -2.01
C GLY A 179 -19.30 3.91 -1.83
N LYS A 180 -20.24 4.67 -2.36
CA LYS A 180 -20.22 6.13 -2.36
C LYS A 180 -19.96 6.74 -0.97
N SER A 181 -20.52 6.20 0.09
CA SER A 181 -20.38 6.86 1.39
C SER A 181 -19.04 6.60 2.08
N ASP A 182 -18.33 5.56 1.62
CA ASP A 182 -16.95 5.29 2.01
C ASP A 182 -15.94 6.06 1.16
N LEU A 183 -16.12 6.00 -0.17
CA LEU A 183 -15.26 6.70 -1.09
C LEU A 183 -15.32 8.23 -0.94
N GLU A 184 -16.51 8.75 -0.66
CA GLU A 184 -16.76 10.18 -0.49
C GLU A 184 -16.73 10.60 0.96
N LYS A 185 -16.04 9.83 1.81
CA LYS A 185 -16.04 10.11 3.24
C LYS A 185 -15.04 11.19 3.58
N GLN A 186 -15.36 11.95 4.62
CA GLN A 186 -14.49 12.98 5.13
C GLN A 186 -14.10 12.69 6.59
N GLU A 187 -12.80 12.51 6.84
CA GLU A 187 -12.27 12.37 8.20
C GLU A 187 -11.25 13.50 8.46
N LYS A 188 -11.40 14.19 9.59
CA LYS A 188 -10.59 15.39 9.89
C LYS A 188 -9.22 14.98 10.32
N PRO A 189 -8.19 15.70 9.85
CA PRO A 189 -6.83 15.59 10.40
C PRO A 189 -6.82 16.15 11.81
N VAL A 190 -6.14 15.47 12.74
CA VAL A 190 -5.75 16.05 14.04
C VAL A 190 -4.23 16.17 13.94
N ALA A 191 -3.69 17.28 14.41
CA ALA A 191 -2.27 17.62 14.20
C ALA A 191 -1.54 17.93 15.51
N TRP A 192 -0.23 17.73 15.55
CA TRP A 192 0.55 18.08 16.73
C TRP A 192 2.01 18.39 16.38
N LEU A 193 2.67 19.14 17.26
CA LEU A 193 4.04 19.57 17.02
C LEU A 193 4.98 18.94 18.00
N SER A 194 6.16 18.61 17.50
CA SER A 194 7.25 18.26 18.38
C SER A 194 8.52 18.75 17.75
N SER A 195 9.62 18.67 18.49
CA SER A 195 10.91 18.96 17.92
C SER A 195 11.95 17.99 18.41
N VAL A 196 13.14 18.09 17.84
CA VAL A 196 14.22 17.16 18.13
C VAL A 196 15.53 17.88 17.76
N PRO A 197 16.62 17.60 18.51
CA PRO A 197 17.88 18.13 17.99
C PRO A 197 18.16 17.65 16.56
N SER A 198 19.07 18.34 15.87
CA SER A 198 19.61 17.83 14.61
C SER A 198 21.13 17.69 14.75
N SER A 199 21.78 17.05 13.77
CA SER A 199 23.25 16.78 13.86
C SER A 199 24.16 18.03 13.93
N ALA A 200 23.72 19.15 13.35
CA ALA A 200 24.46 20.41 13.41
C ALA A 200 24.11 21.21 14.69
N HIS A 201 25.11 21.43 15.53
CA HIS A 201 25.00 22.14 16.83
C HIS A 201 24.23 23.47 16.77
N GLY A 202 23.39 23.73 17.78
CA GLY A 202 22.60 24.97 17.82
C GLY A 202 21.42 25.03 16.85
N HIS A 203 21.02 23.87 16.31
CA HIS A 203 19.91 23.75 15.37
C HIS A 203 18.87 22.77 15.90
N ARG A 204 17.63 22.90 15.42
CA ARG A 204 16.56 22.00 15.80
C ARG A 204 15.74 21.61 14.58
N GLN A 205 15.06 20.50 14.70
CA GLN A 205 14.09 20.16 13.71
C GLN A 205 12.70 20.12 14.32
N LEU A 206 11.84 21.03 13.87
CA LEU A 206 10.47 21.09 14.33
C LEU A 206 9.69 20.09 13.49
N VAL A 207 8.77 19.38 14.11
CA VAL A 207 8.00 18.41 13.38
C VAL A 207 6.51 18.70 13.48
N CYS A 208 5.85 18.76 12.33
CA CYS A 208 4.41 18.91 12.32
C CYS A 208 3.76 17.61 11.85
N HIS A 209 3.12 16.90 12.75
CA HIS A 209 2.48 15.63 12.41
C HIS A 209 0.98 15.80 12.17
N VAL A 210 0.48 15.24 11.07
CA VAL A 210 -0.91 15.37 10.69
C VAL A 210 -1.51 13.98 10.48
N SER A 211 -2.46 13.58 11.32
CA SER A 211 -2.96 12.17 11.36
C SER A 211 -4.47 12.05 11.34
N GLY A 212 -4.95 11.05 10.61
CA GLY A 212 -6.34 10.65 10.72
C GLY A 212 -7.27 11.22 9.67
N PHE A 213 -6.69 11.71 8.55
CA PHE A 213 -7.43 12.45 7.54
C PHE A 213 -7.82 11.62 6.31
N TYR A 214 -8.93 11.97 5.67
CA TYR A 214 -9.37 11.29 4.45
C TYR A 214 -10.30 12.19 3.65
N PRO A 215 -10.14 12.26 2.30
CA PRO A 215 -9.21 11.61 1.40
C PRO A 215 -7.79 12.15 1.50
N LYS A 216 -6.93 11.61 0.64
CA LYS A 216 -5.49 11.85 0.65
C LYS A 216 -5.03 13.33 0.46
N PRO A 217 -5.55 14.07 -0.55
CA PRO A 217 -5.04 15.43 -0.77
C PRO A 217 -5.04 16.32 0.48
N VAL A 218 -3.86 16.87 0.79
CA VAL A 218 -3.63 17.75 1.97
C VAL A 218 -2.52 18.69 1.68
N TRP A 219 -2.57 19.80 2.40
CA TRP A 219 -1.56 20.84 2.34
C TRP A 219 -1.06 21.02 3.77
N VAL A 220 0.25 20.90 3.95
CA VAL A 220 0.87 21.10 5.25
C VAL A 220 2.11 21.96 5.08
N MET A 221 2.16 23.10 5.75
CA MET A 221 3.26 24.04 5.53
C MET A 221 3.65 24.72 6.84
N TRP A 222 4.94 24.97 7.00
CA TRP A 222 5.38 25.74 8.15
C TRP A 222 5.37 27.23 7.78
N MET A 223 4.71 28.02 8.61
CA MET A 223 4.47 29.45 8.34
C MET A 223 5.18 30.36 9.33
N ARG A 224 5.56 31.53 8.83
CA ARG A 224 5.90 32.64 9.67
C ARG A 224 4.96 33.76 9.21
N GLY A 225 3.92 34.01 10.00
CA GLY A 225 2.83 34.88 9.56
C GLY A 225 2.19 34.34 8.29
N ASP A 226 2.24 35.15 7.24
CA ASP A 226 1.72 34.83 5.91
C ASP A 226 2.74 34.18 4.96
N GLN A 227 4.01 34.27 5.34
CA GLN A 227 5.13 33.75 4.57
C GLN A 227 5.33 32.25 4.81
N GLU A 228 5.17 31.49 3.73
CA GLU A 228 5.43 30.07 3.73
C GLU A 228 6.91 29.87 3.93
N GLN A 229 7.27 29.04 4.91
CA GLN A 229 8.64 28.64 5.14
C GLN A 229 9.03 27.56 4.12
N GLN A 230 9.75 27.95 3.08
CA GLN A 230 9.99 27.01 2.00
C GLN A 230 10.87 25.84 2.40
N GLY A 231 11.50 25.94 3.58
CA GLY A 231 12.27 24.85 4.18
C GLY A 231 11.43 23.64 4.58
N THR A 232 10.12 23.86 4.73
CA THR A 232 9.16 22.78 4.97
C THR A 232 9.52 21.55 4.15
N HIS A 233 9.65 20.40 4.83
CA HIS A 233 10.05 19.13 4.18
C HIS A 233 9.00 18.09 4.46
N ARG A 234 8.19 17.82 3.43
CA ARG A 234 7.06 16.87 3.48
C ARG A 234 7.54 15.41 3.43
N GLY A 235 7.13 14.61 4.41
CA GLY A 235 7.43 13.18 4.43
C GLY A 235 6.50 12.49 3.45
N ASP A 236 6.50 11.16 3.44
CA ASP A 236 5.58 10.44 2.56
C ASP A 236 4.25 10.24 3.24
N PHE A 237 3.19 10.01 2.48
CA PHE A 237 1.89 9.61 3.06
C PHE A 237 2.05 8.21 3.60
N LEU A 238 1.75 8.07 4.89
CA LEU A 238 1.88 6.82 5.61
C LEU A 238 0.47 6.36 5.98
N PRO A 239 0.14 5.09 5.75
CA PRO A 239 -1.22 4.69 6.09
C PRO A 239 -1.46 4.46 7.57
N ASN A 240 -2.61 4.90 8.08
CA ASN A 240 -3.09 4.39 9.37
C ASN A 240 -3.86 3.11 9.09
N ALA A 241 -4.26 2.41 10.15
CA ALA A 241 -4.98 1.15 9.99
C ALA A 241 -6.51 1.28 9.91
N ASP A 242 -7.04 2.50 10.15
CA ASP A 242 -8.48 2.78 10.14
C ASP A 242 -8.93 3.49 8.86
N GLU A 243 -8.19 3.24 7.78
CA GLU A 243 -8.43 3.81 6.44
C GLU A 243 -8.45 5.33 6.50
N THR A 244 -7.43 5.85 7.19
CA THR A 244 -7.04 7.25 7.16
C THR A 244 -5.53 7.40 6.89
N TRP A 245 -5.09 8.64 6.67
CA TRP A 245 -3.70 8.91 6.30
C TRP A 245 -2.92 9.65 7.37
N TYR A 246 -1.61 9.53 7.24
CA TYR A 246 -0.68 10.19 8.14
C TYR A 246 0.37 10.85 7.29
N LEU A 247 0.79 12.03 7.69
CA LEU A 247 1.87 12.72 7.03
C LEU A 247 2.51 13.61 8.08
N GLN A 248 3.80 13.85 7.94
CA GLN A 248 4.45 14.88 8.72
C GLN A 248 5.34 15.78 7.85
N ALA A 249 5.43 17.04 8.27
CA ALA A 249 6.28 18.02 7.62
C ALA A 249 7.28 18.60 8.64
N THR A 250 8.55 18.40 8.35
CA THR A 250 9.59 18.91 9.24
C THR A 250 10.18 20.24 8.73
N LEU A 251 10.75 21.01 9.65
CA LEU A 251 11.42 22.29 9.35
C LEU A 251 12.68 22.42 10.21
N ASP A 252 13.82 22.58 9.58
CA ASP A 252 15.03 22.77 10.34
C ASP A 252 15.19 24.25 10.66
N VAL A 253 15.44 24.57 11.93
CA VAL A 253 15.55 25.97 12.34
C VAL A 253 16.72 26.19 13.27
N GLU A 254 17.15 27.43 13.38
CA GLU A 254 18.23 27.77 14.29
C GLU A 254 17.65 28.09 15.66
N ALA A 255 18.38 27.69 16.71
CA ALA A 255 18.02 28.00 18.10
C ALA A 255 17.70 29.50 18.30
N GLY A 256 16.58 29.79 18.96
CA GLY A 256 16.12 31.17 19.13
C GLY A 256 15.18 31.60 18.01
N GLU A 257 15.48 31.18 16.79
CA GLU A 257 14.71 31.56 15.59
C GLU A 257 13.33 30.83 15.44
N GLU A 258 12.96 30.08 16.47
CA GLU A 258 11.78 29.23 16.52
C GLU A 258 10.49 30.03 16.71
N ALA A 259 10.60 31.17 17.38
CA ALA A 259 9.45 31.98 17.79
C ALA A 259 8.66 32.54 16.59
N GLY A 260 7.33 32.42 16.65
CA GLY A 260 6.45 32.86 15.54
C GLY A 260 6.25 31.86 14.41
N LEU A 261 6.95 30.73 14.43
CA LEU A 261 6.69 29.68 13.48
C LEU A 261 5.37 28.99 13.82
N ALA A 262 4.57 28.75 12.78
CA ALA A 262 3.30 28.01 12.88
C ALA A 262 3.26 26.84 11.89
N CYS A 263 2.45 25.83 12.15
CA CYS A 263 2.17 24.82 11.16
C CYS A 263 0.73 25.00 10.75
N ARG A 264 0.49 25.11 9.45
CA ARG A 264 -0.87 25.26 8.97
C ARG A 264 -1.26 24.12 8.04
N VAL A 265 -2.36 23.43 8.35
CA VAL A 265 -2.83 22.39 7.44
C VAL A 265 -4.20 22.64 6.83
N LYS A 266 -4.30 22.36 5.54
CA LYS A 266 -5.54 22.54 4.77
C LYS A 266 -6.03 21.15 4.29
N HIS A 267 -7.32 20.87 4.53
CA HIS A 267 -7.91 19.61 4.12
C HIS A 267 -9.35 19.88 3.82
N SER A 268 -9.93 19.11 2.91
CA SER A 268 -11.29 19.34 2.41
C SER A 268 -12.41 19.20 3.48
N SER A 269 -12.10 18.48 4.55
CA SER A 269 -13.08 18.18 5.61
C SER A 269 -13.08 19.22 6.75
N LEU A 270 -12.16 20.19 6.69
CA LEU A 270 -12.00 21.17 7.76
C LEU A 270 -12.92 22.36 7.54
N GLY A 271 -13.46 22.41 6.32
CA GLY A 271 -14.47 23.39 5.94
C GLY A 271 -13.93 24.75 5.62
N GLY A 272 -12.70 24.83 5.10
CA GLY A 272 -12.09 26.14 4.84
C GLY A 272 -11.49 26.85 6.05
N GLN A 273 -11.48 26.18 7.20
CA GLN A 273 -10.81 26.67 8.40
C GLN A 273 -9.57 25.82 8.70
N ASP A 274 -8.43 26.25 8.17
CA ASP A 274 -7.21 25.50 8.40
C ASP A 274 -6.93 25.30 9.89
N ILE A 275 -6.27 24.21 10.21
CA ILE A 275 -5.68 24.02 11.52
C ILE A 275 -4.39 24.83 11.57
N ILE A 276 -4.26 25.69 12.56
CA ILE A 276 -2.98 26.36 12.74
C ILE A 276 -2.43 26.12 14.14
N LEU A 277 -1.25 25.52 14.21
CA LEU A 277 -0.59 25.33 15.49
C LEU A 277 0.56 26.29 15.57
N TYR A 278 0.88 26.76 16.78
CA TYR A 278 1.98 27.66 17.01
C TYR A 278 3.04 26.99 17.84
N TRP A 279 4.27 26.98 17.34
CA TRP A 279 5.41 26.62 18.16
C TRP A 279 5.63 27.64 19.29
N GLN B 2 16.03 -8.17 -5.37
CA GLN B 2 16.17 -8.25 -3.87
C GLN B 2 16.41 -6.91 -3.15
N LYS B 3 15.34 -6.34 -2.60
CA LYS B 3 15.36 -4.97 -2.03
C LYS B 3 15.24 -4.92 -0.49
N THR B 4 15.92 -3.99 0.15
CA THR B 4 15.90 -3.86 1.61
C THR B 4 14.64 -3.14 2.13
N PRO B 5 14.01 -3.65 3.21
CA PRO B 5 12.90 -2.97 3.82
C PRO B 5 13.27 -1.68 4.53
N GLN B 6 12.39 -0.70 4.35
CA GLN B 6 12.41 0.55 5.10
C GLN B 6 11.32 0.49 6.16
N ILE B 7 11.63 1.08 7.32
CA ILE B 7 10.72 1.07 8.47
C ILE B 7 10.40 2.46 9.05
N GLN B 8 9.09 2.75 9.09
CA GLN B 8 8.56 3.95 9.74
C GLN B 8 7.60 3.62 10.87
N VAL B 9 7.94 4.09 12.06
CA VAL B 9 7.14 3.89 13.24
C VAL B 9 6.50 5.22 13.72
N TYR B 10 5.17 5.25 13.77
CA TYR B 10 4.43 6.43 14.17
C TYR B 10 3.14 6.06 14.94
N SER B 11 2.64 7.01 15.73
CA SER B 11 1.42 6.80 16.49
C SER B 11 0.22 7.32 15.73
N ARG B 12 -0.94 6.70 15.96
CA ARG B 12 -2.20 7.05 15.30
C ARG B 12 -2.72 8.40 15.76
N HIS B 13 -2.71 8.64 17.08
CA HIS B 13 -3.11 9.91 17.70
C HIS B 13 -1.92 10.57 18.42
N PRO B 14 -2.03 11.89 18.72
CA PRO B 14 -1.01 12.59 19.51
C PRO B 14 -0.70 11.80 20.77
N PRO B 15 0.57 11.36 20.94
CA PRO B 15 0.95 10.68 22.18
C PRO B 15 0.75 11.55 23.40
N GLU B 16 0.31 10.92 24.48
CA GLU B 16 0.31 11.59 25.75
C GLU B 16 0.33 10.52 26.79
N ASN B 17 1.20 10.68 27.78
CA ASN B 17 1.51 9.59 28.69
C ASN B 17 0.31 9.15 29.51
N GLY B 18 0.02 7.87 29.50
CA GLY B 18 -1.13 7.34 30.25
C GLY B 18 -2.35 7.13 29.39
N LYS B 19 -2.38 7.75 28.21
CA LYS B 19 -3.52 7.57 27.30
C LYS B 19 -3.29 6.56 26.18
N PRO B 20 -4.12 5.49 26.14
CA PRO B 20 -4.32 4.50 25.08
C PRO B 20 -4.18 5.10 23.69
N ASN B 21 -3.47 4.38 22.84
CA ASN B 21 -3.13 4.82 21.51
C ASN B 21 -2.93 3.58 20.65
N ILE B 22 -2.67 3.81 19.37
CA ILE B 22 -2.29 2.74 18.47
C ILE B 22 -0.99 3.15 17.83
N LEU B 23 -0.03 2.22 17.86
CA LEU B 23 1.30 2.42 17.28
C LEU B 23 1.39 1.70 15.93
N ASN B 24 1.83 2.41 14.89
CA ASN B 24 1.99 1.80 13.58
C ASN B 24 3.46 1.54 13.25
N CYS B 25 3.70 0.42 12.58
CA CYS B 25 4.98 0.10 11.98
C CYS B 25 4.68 -0.21 10.53
N TYR B 26 5.31 0.53 9.63
CA TYR B 26 4.96 0.47 8.22
C TYR B 26 6.24 0.18 7.47
N VAL B 27 6.23 -1.01 6.85
CA VAL B 27 7.41 -1.61 6.28
C VAL B 27 7.24 -1.59 4.76
N THR B 28 8.11 -0.84 4.10
CA THR B 28 7.96 -0.65 2.69
C THR B 28 9.19 -1.09 1.97
N GLN B 29 9.07 -1.18 0.65
CA GLN B 29 10.21 -1.22 -0.27
C GLN B 29 10.99 -2.51 -0.32
N PHE B 30 10.50 -3.54 0.37
CA PHE B 30 11.20 -4.82 0.36
C PHE B 30 10.81 -5.75 -0.81
N HIS B 31 11.64 -6.77 -1.00
CA HIS B 31 11.45 -7.86 -1.98
C HIS B 31 12.54 -8.89 -1.71
N PRO B 32 12.20 -10.18 -1.68
CA PRO B 32 10.91 -10.79 -1.98
C PRO B 32 9.92 -10.56 -0.85
N PRO B 33 8.64 -10.95 -1.04
CA PRO B 33 7.62 -10.57 -0.10
C PRO B 33 7.70 -11.24 1.28
N HIS B 34 8.40 -12.34 1.41
CA HIS B 34 8.50 -13.06 2.68
C HIS B 34 9.27 -12.24 3.69
N ILE B 35 8.77 -12.18 4.93
CA ILE B 35 9.26 -11.22 5.93
C ILE B 35 8.67 -11.52 7.30
N GLU B 36 9.43 -11.27 8.36
CA GLU B 36 8.92 -11.33 9.70
C GLU B 36 8.99 -9.96 10.38
N ILE B 37 7.83 -9.44 10.80
CA ILE B 37 7.71 -8.18 11.54
C ILE B 37 7.37 -8.43 13.04
N GLN B 38 8.20 -7.95 13.95
CA GLN B 38 7.91 -7.96 15.38
C GLN B 38 7.77 -6.50 15.86
N MET B 39 6.71 -6.21 16.61
CA MET B 39 6.67 -4.96 17.38
C MET B 39 7.11 -5.28 18.81
N LEU B 40 7.99 -4.46 19.38
CA LEU B 40 8.60 -4.76 20.66
C LEU B 40 8.30 -3.70 21.70
N LYS B 41 8.07 -4.15 22.93
CA LYS B 41 7.99 -3.29 24.09
C LYS B 41 9.21 -3.59 24.97
N ASN B 42 9.99 -2.55 25.28
CA ASN B 42 11.23 -2.74 26.08
C ASN B 42 11.99 -4.01 25.69
N GLY B 43 12.01 -4.32 24.40
CA GLY B 43 12.70 -5.53 23.87
C GLY B 43 11.95 -6.87 23.93
N LYS B 44 10.78 -6.87 24.57
CA LYS B 44 9.91 -8.04 24.61
C LYS B 44 8.96 -7.89 23.44
N LYS B 45 8.74 -8.97 22.69
CA LYS B 45 7.85 -8.97 21.54
C LYS B 45 6.40 -8.75 22.01
N ILE B 46 5.65 -7.90 21.33
CA ILE B 46 4.29 -7.57 21.75
C ILE B 46 3.31 -8.63 21.26
N PRO B 47 2.46 -9.17 22.16
CA PRO B 47 1.60 -10.28 21.71
C PRO B 47 0.56 -9.92 20.60
N LYS B 48 -0.40 -9.05 20.85
CA LYS B 48 -1.62 -9.08 20.03
C LYS B 48 -1.59 -8.37 18.62
N VAL B 49 -0.40 -8.28 18.01
CA VAL B 49 -0.13 -7.44 16.80
C VAL B 49 -0.85 -7.80 15.47
N GLU B 50 -1.66 -6.86 14.98
CA GLU B 50 -2.41 -7.02 13.70
C GLU B 50 -1.56 -6.56 12.54
N MET B 51 -1.58 -7.34 11.46
CA MET B 51 -0.89 -7.03 10.20
C MET B 51 -1.90 -6.81 9.08
N SER B 52 -1.58 -5.94 8.13
CA SER B 52 -2.43 -5.80 6.96
C SER B 52 -2.12 -6.92 5.98
N ASP B 53 -2.94 -7.06 4.95
CA ASP B 53 -2.66 -8.00 3.92
C ASP B 53 -1.46 -7.43 3.21
N MET B 54 -0.61 -8.28 2.64
CA MET B 54 0.51 -7.72 1.94
C MET B 54 0.04 -7.20 0.61
N SER B 55 0.69 -6.17 0.12
CA SER B 55 0.32 -5.55 -1.12
C SER B 55 1.62 -5.06 -1.74
N PHE B 56 1.50 -4.39 -2.89
CA PHE B 56 2.66 -3.78 -3.49
C PHE B 56 2.26 -2.52 -4.25
N SER B 57 3.20 -1.59 -4.42
CA SER B 57 2.94 -0.34 -5.09
C SER B 57 3.25 -0.44 -6.58
N LYS B 58 3.02 0.68 -7.27
CA LYS B 58 3.23 0.86 -8.72
C LYS B 58 4.65 0.52 -9.14
N ASP B 59 5.60 0.65 -8.22
CA ASP B 59 6.99 0.29 -8.48
C ASP B 59 7.34 -1.17 -8.09
N TRP B 60 6.33 -1.94 -7.68
CA TRP B 60 6.43 -3.41 -7.50
C TRP B 60 6.93 -3.90 -6.14
N SER B 61 7.45 -2.99 -5.33
CA SER B 61 7.99 -3.33 -4.02
C SER B 61 6.83 -3.57 -3.07
N PHE B 62 6.98 -4.50 -2.13
CA PHE B 62 5.92 -4.86 -1.21
C PHE B 62 5.89 -3.94 -0.01
N TYR B 63 4.70 -3.77 0.55
CA TYR B 63 4.58 -3.03 1.78
C TYR B 63 3.55 -3.68 2.64
N ILE B 64 3.64 -3.41 3.94
CA ILE B 64 2.78 -4.10 4.87
C ILE B 64 2.68 -3.19 6.07
N LEU B 65 1.46 -3.05 6.61
CA LEU B 65 1.24 -2.24 7.85
C LEU B 65 1.04 -3.12 9.09
N ALA B 66 1.91 -2.96 10.08
CA ALA B 66 1.67 -3.58 11.37
C ALA B 66 1.21 -2.53 12.35
N HIS B 67 0.37 -2.95 13.29
CA HIS B 67 -0.14 -2.05 14.33
C HIS B 67 -0.57 -2.80 15.62
N THR B 68 -0.35 -2.18 16.78
CA THR B 68 -0.83 -2.74 18.04
C THR B 68 -1.39 -1.61 18.89
N GLU B 69 -2.28 -1.93 19.81
CA GLU B 69 -2.66 -0.98 20.85
C GLU B 69 -1.49 -0.78 21.79
N PHE B 70 -1.35 0.43 22.33
CA PHE B 70 -0.23 0.76 23.19
C PHE B 70 -0.58 2.00 24.00
N THR B 71 -0.26 1.96 25.28
CA THR B 71 -0.34 3.16 26.07
C THR B 71 1.10 3.60 26.41
N PRO B 72 1.56 4.71 25.78
CA PRO B 72 2.89 5.27 25.95
C PRO B 72 3.06 5.85 27.35
N THR B 73 4.27 5.73 27.91
CA THR B 73 4.56 6.27 29.23
C THR B 73 5.89 7.00 29.14
N GLU B 74 6.29 7.71 30.20
CA GLU B 74 7.61 8.36 30.22
C GLU B 74 8.77 7.37 30.02
N THR B 75 8.63 6.14 30.52
CA THR B 75 9.76 5.21 30.61
C THR B 75 9.81 4.00 29.65
N ASP B 76 8.71 3.73 28.96
CA ASP B 76 8.66 2.58 28.06
C ASP B 76 9.21 2.98 26.70
N THR B 77 10.03 2.09 26.14
CA THR B 77 10.44 2.28 24.77
C THR B 77 9.67 1.29 23.89
N TYR B 78 9.49 1.62 22.62
CA TYR B 78 8.73 0.78 21.72
C TYR B 78 9.47 0.70 20.39
N ALA B 79 9.57 -0.51 19.83
CA ALA B 79 10.37 -0.65 18.61
C ALA B 79 9.67 -1.47 17.56
N CYS B 80 10.18 -1.41 16.34
CA CYS B 80 9.75 -2.35 15.29
C CYS B 80 10.95 -3.08 14.69
N ARG B 81 10.99 -4.42 14.82
CA ARG B 81 12.12 -5.26 14.35
C ARG B 81 11.70 -6.04 13.11
N VAL B 82 12.55 -6.10 12.08
CA VAL B 82 12.22 -6.80 10.81
C VAL B 82 13.29 -7.78 10.29
N LYS B 83 12.93 -9.06 10.16
CA LYS B 83 13.81 -10.05 9.55
C LYS B 83 13.47 -10.15 8.09
N HIS B 84 14.47 -10.06 7.23
CA HIS B 84 14.20 -10.23 5.81
C HIS B 84 15.41 -10.81 5.10
N ALA B 85 15.15 -11.47 3.96
CA ALA B 85 16.22 -12.17 3.27
C ALA B 85 17.32 -11.19 2.85
N SER B 86 16.95 -9.95 2.54
CA SER B 86 17.89 -8.95 2.06
C SER B 86 18.90 -8.46 3.10
N MET B 87 18.71 -8.81 4.37
CA MET B 87 19.51 -8.21 5.44
C MET B 87 20.21 -9.25 6.27
N ALA B 88 21.53 -9.11 6.38
CA ALA B 88 22.34 -10.08 7.14
C ALA B 88 21.76 -10.19 8.54
N GLU B 89 21.08 -9.13 8.96
CA GLU B 89 20.82 -8.86 10.36
C GLU B 89 19.44 -8.17 10.49
N PRO B 90 18.67 -8.50 11.54
CA PRO B 90 17.41 -7.85 11.80
C PRO B 90 17.58 -6.35 12.01
N LYS B 91 16.64 -5.59 11.50
CA LYS B 91 16.69 -4.15 11.60
C LYS B 91 15.65 -3.71 12.60
N THR B 92 16.06 -2.83 13.49
CA THR B 92 15.19 -2.29 14.52
C THR B 92 15.13 -0.76 14.41
N VAL B 93 13.93 -0.20 14.33
CA VAL B 93 13.83 1.23 14.51
C VAL B 93 12.91 1.48 15.68
N TYR B 94 13.33 2.40 16.55
CA TYR B 94 12.60 2.68 17.77
C TYR B 94 11.61 3.82 17.56
N TRP B 95 10.40 3.70 18.07
CA TRP B 95 9.51 4.85 18.17
C TRP B 95 10.14 6.04 18.96
N ASP B 96 10.08 7.23 18.35
CA ASP B 96 10.53 8.46 18.99
C ASP B 96 9.38 9.47 18.86
N ARG B 97 8.66 9.71 19.95
CA ARG B 97 7.45 10.52 19.87
C ARG B 97 7.74 11.92 19.31
N ASP B 98 8.99 12.38 19.46
CA ASP B 98 9.43 13.71 19.07
C ASP B 98 9.84 13.86 17.59
N MET B 99 10.11 12.72 16.93
CA MET B 99 10.52 12.66 15.52
C MET B 99 9.31 12.51 14.61
#